data_3VRC
#
_entry.id   3VRC
#
_cell.length_a   41.310
_cell.length_b   57.189
_cell.length_c   54.225
_cell.angle_alpha   90.00
_cell.angle_beta   94.81
_cell.angle_gamma   90.00
#
_symmetry.space_group_name_H-M   'P 1 21 1'
#
loop_
_entity.id
_entity.type
_entity.pdbx_description
1 polymer "Cytochrome c'"
2 non-polymer 'HEME C'
3 non-polymer 'CADMIUM ION'
4 non-polymer 'CHLORIDE ION'
5 non-polymer DI(HYDROXYETHYL)ETHER
6 non-polymer 'TETRAETHYLENE GLYCOL'
7 water water
#
_entity_poly.entity_id   1
_entity_poly.type   'polypeptide(L)'
_entity_poly.pdbx_seq_one_letter_code
;ADLSPEEQIETRQAGYAFMAWNMGKIKANLEGEYNADQVRAAANVVAAIANSGMGALYGPGTDKNVGAVKTRAKPELFQN
LEDVGKLARDLGTAANALAAAAATGEANAVKSAFADVGAACKACHQKYRAD
;
_entity_poly.pdbx_strand_id   A,B
#
loop_
_chem_comp.id
_chem_comp.type
_chem_comp.name
_chem_comp.formula
CD non-polymer 'CADMIUM ION' 'Cd 2'
CL non-polymer 'CHLORIDE ION' 'Cl -1'
HEC non-polymer 'HEME C' 'C34 H34 Fe N4 O4'
PEG non-polymer DI(HYDROXYETHYL)ETHER 'C4 H10 O3'
PG4 non-polymer 'TETRAETHYLENE GLYCOL' 'C8 H18 O5'
#
# COMPACT_ATOMS: atom_id res chain seq x y z
N ASP A 2 -6.04 -5.13 17.69
CA ASP A 2 -6.56 -6.20 16.76
C ASP A 2 -7.65 -5.60 15.83
N LEU A 3 -7.52 -5.86 14.56
CA LEU A 3 -8.50 -5.34 13.56
C LEU A 3 -9.79 -6.16 13.62
N SER A 4 -10.99 -5.52 13.57
CA SER A 4 -12.25 -6.25 13.44
C SER A 4 -12.28 -6.97 12.07
N PRO A 5 -13.19 -7.92 11.89
CA PRO A 5 -13.32 -8.57 10.58
C PRO A 5 -13.55 -7.56 9.45
N GLU A 6 -14.45 -6.59 9.69
CA GLU A 6 -14.74 -5.63 8.64
CA GLU A 6 -14.74 -5.54 8.72
C GLU A 6 -13.46 -4.82 8.32
N GLU A 7 -12.65 -4.44 9.31
CA GLU A 7 -11.42 -3.71 9.05
C GLU A 7 -10.40 -4.59 8.32
N GLN A 8 -10.32 -5.89 8.62
CA GLN A 8 -9.42 -6.76 7.89
C GLN A 8 -9.81 -6.83 6.40
N ILE A 9 -11.12 -6.94 6.10
CA ILE A 9 -11.54 -6.98 4.70
C ILE A 9 -11.15 -5.69 3.98
N GLU A 10 -11.52 -4.55 4.65
CA GLU A 10 -11.21 -3.27 4.03
C GLU A 10 -9.71 -3.09 3.79
N THR A 11 -8.93 -3.54 4.76
CA THR A 11 -7.48 -3.33 4.68
C THR A 11 -6.85 -4.19 3.61
N ARG A 12 -7.28 -5.47 3.50
CA ARG A 12 -6.69 -6.30 2.44
C ARG A 12 -7.09 -5.77 1.06
N GLN A 13 -8.36 -5.36 0.92
CA GLN A 13 -8.80 -4.74 -0.33
C GLN A 13 -7.94 -3.53 -0.69
N ALA A 14 -7.65 -2.69 0.33
CA ALA A 14 -6.83 -1.52 0.10
C ALA A 14 -5.45 -1.89 -0.42
N GLY A 15 -4.83 -2.91 0.20
CA GLY A 15 -3.51 -3.34 -0.25
C GLY A 15 -3.48 -3.78 -1.70
N TYR A 16 -4.51 -4.62 -2.05
CA TYR A 16 -4.54 -5.13 -3.44
C TYR A 16 -4.79 -3.97 -4.44
N ALA A 17 -5.75 -3.08 -4.06
CA ALA A 17 -6.07 -1.95 -4.94
C ALA A 17 -4.84 -1.06 -5.16
N PHE A 18 -4.09 -0.83 -4.08
CA PHE A 18 -2.96 0.08 -4.21
C PHE A 18 -1.81 -0.56 -4.96
N MET A 19 -1.61 -1.89 -4.76
CA MET A 19 -0.67 -2.66 -5.64
CA MET A 19 -0.65 -2.54 -5.53
C MET A 19 -1.06 -2.54 -7.05
N ALA A 20 -2.35 -2.71 -7.34
CA ALA A 20 -2.78 -2.70 -8.74
C ALA A 20 -2.49 -1.38 -9.44
N TRP A 21 -2.69 -0.27 -8.72
CA TRP A 21 -2.40 1.05 -9.30
C TRP A 21 -0.94 1.12 -9.68
N ASN A 22 -0.04 0.66 -8.80
CA ASN A 22 1.38 0.68 -9.06
C ASN A 22 1.80 -0.28 -10.14
N MET A 23 1.17 -1.44 -10.22
CA MET A 23 1.42 -2.34 -11.36
C MET A 23 1.12 -1.64 -12.69
N GLY A 24 -0.01 -0.91 -12.70
CA GLY A 24 -0.37 -0.20 -13.96
C GLY A 24 0.63 0.84 -14.35
N LYS A 25 1.30 1.49 -13.37
CA LYS A 25 2.33 2.44 -13.69
CA LYS A 25 2.42 2.43 -13.62
C LYS A 25 3.54 1.73 -14.30
N ILE A 26 3.93 0.55 -13.79
CA ILE A 26 5.03 -0.17 -14.37
C ILE A 26 4.69 -0.56 -15.80
N LYS A 27 3.46 -1.08 -16.02
CA LYS A 27 3.04 -1.40 -17.39
C LYS A 27 3.13 -0.21 -18.31
N ALA A 28 2.73 0.97 -17.84
CA ALA A 28 2.77 2.15 -18.70
C ALA A 28 4.20 2.51 -19.09
N ASN A 29 5.14 2.32 -18.12
CA ASN A 29 6.55 2.57 -18.44
C ASN A 29 7.11 1.55 -19.42
N LEU A 30 6.72 0.28 -19.27
CA LEU A 30 7.16 -0.76 -20.18
C LEU A 30 6.58 -0.57 -21.58
N GLU A 31 5.38 -0.02 -21.69
CA GLU A 31 4.71 0.12 -23.02
C GLU A 31 4.90 1.49 -23.61
N GLY A 32 5.53 2.40 -22.90
CA GLY A 32 5.57 3.79 -23.34
C GLY A 32 6.99 4.31 -23.11
N GLU A 33 7.12 5.49 -22.54
CA GLU A 33 8.46 6.07 -22.25
C GLU A 33 8.88 5.52 -20.89
N TYR A 34 9.93 4.71 -20.89
CA TYR A 34 10.36 4.03 -19.64
C TYR A 34 11.16 5.04 -18.77
N ASN A 35 10.80 5.13 -17.52
CA ASN A 35 11.48 5.97 -16.56
C ASN A 35 11.92 5.14 -15.40
N ALA A 36 13.22 4.93 -15.20
CA ALA A 36 13.68 4.04 -14.16
C ALA A 36 13.26 4.42 -12.80
N ASP A 37 13.25 5.73 -12.51
CA ASP A 37 12.80 6.18 -11.18
C ASP A 37 11.33 5.94 -10.93
N GLN A 38 10.49 6.15 -11.95
CA GLN A 38 9.06 5.82 -11.77
C GLN A 38 8.89 4.35 -11.49
N VAL A 39 9.64 3.52 -12.17
CA VAL A 39 9.57 2.07 -12.00
C VAL A 39 10.05 1.72 -10.60
N ARG A 40 11.12 2.35 -10.11
CA ARG A 40 11.55 2.09 -8.70
C ARG A 40 10.43 2.37 -7.70
N ALA A 41 9.81 3.56 -7.87
CA ALA A 41 8.82 3.93 -6.86
C ALA A 41 7.64 2.94 -6.86
N ALA A 42 7.18 2.57 -8.07
CA ALA A 42 6.04 1.66 -8.18
C ALA A 42 6.42 0.25 -7.71
N ALA A 43 7.60 -0.22 -8.13
CA ALA A 43 8.05 -1.55 -7.73
C ALA A 43 8.22 -1.66 -6.20
N ASN A 44 8.68 -0.53 -5.59
CA ASN A 44 8.83 -0.53 -4.13
C ASN A 44 7.51 -0.70 -3.45
N VAL A 45 6.43 -0.09 -3.99
CA VAL A 45 5.11 -0.31 -3.40
C VAL A 45 4.69 -1.78 -3.53
N VAL A 46 4.84 -2.37 -4.73
CA VAL A 46 4.38 -3.74 -4.92
C VAL A 46 5.16 -4.67 -3.97
N ALA A 47 6.49 -4.53 -3.91
CA ALA A 47 7.28 -5.37 -3.03
C ALA A 47 6.89 -5.16 -1.57
N ALA A 48 6.71 -3.92 -1.17
CA ALA A 48 6.42 -3.66 0.24
C ALA A 48 5.08 -4.27 0.62
N ILE A 49 4.04 -4.02 -0.19
CA ILE A 49 2.73 -4.53 0.12
C ILE A 49 2.75 -6.08 0.09
N ALA A 50 3.41 -6.65 -0.91
CA ALA A 50 3.45 -8.11 -0.98
C ALA A 50 4.14 -8.76 0.21
N ASN A 51 4.97 -8.06 0.95
N ASN A 51 4.99 -7.98 0.86
CA ASN A 51 5.76 -8.62 2.05
CA ASN A 51 5.74 -8.39 2.02
C ASN A 51 5.23 -8.05 3.46
C ASN A 51 5.37 -7.68 3.20
N SER A 52 4.03 -7.50 3.47
CA SER A 52 3.54 -6.76 4.62
C SER A 52 2.71 -7.61 5.54
N GLY A 53 2.70 -8.96 5.39
CA GLY A 53 1.96 -9.76 6.37
C GLY A 53 0.49 -9.75 6.12
N MET A 54 0.04 -9.66 4.86
CA MET A 54 -1.40 -9.58 4.58
C MET A 54 -2.18 -10.87 4.95
N GLY A 55 -1.48 -11.98 5.20
CA GLY A 55 -2.23 -13.17 5.67
C GLY A 55 -2.92 -12.89 6.99
N ALA A 56 -2.36 -11.94 7.78
CA ALA A 56 -2.99 -11.51 9.06
C ALA A 56 -4.35 -10.86 8.82
N LEU A 57 -4.71 -10.57 7.60
CA LEU A 57 -5.99 -9.90 7.26
C LEU A 57 -7.06 -10.98 6.89
N TYR A 58 -6.74 -12.25 7.04
CA TYR A 58 -7.65 -13.33 6.70
C TYR A 58 -8.09 -14.06 7.93
N GLY A 59 -8.49 -13.33 8.99
CA GLY A 59 -8.92 -13.92 10.20
C GLY A 59 -10.33 -14.46 10.20
N PRO A 60 -10.72 -15.08 11.29
CA PRO A 60 -12.05 -15.59 11.41
C PRO A 60 -13.10 -14.49 11.22
N GLY A 61 -14.22 -14.82 10.60
CA GLY A 61 -15.31 -13.84 10.37
C GLY A 61 -15.08 -13.03 9.14
N THR A 62 -13.92 -13.09 8.46
CA THR A 62 -13.70 -12.29 7.27
C THR A 62 -14.05 -13.04 5.97
N ASP A 63 -14.66 -14.21 6.16
CA ASP A 63 -15.17 -15.03 5.07
C ASP A 63 -16.53 -14.59 4.63
N LYS A 64 -17.14 -13.65 5.32
CA LYS A 64 -18.50 -13.27 4.94
C LYS A 64 -18.57 -11.75 4.90
N ASN A 65 -19.56 -11.23 4.19
CA ASN A 65 -19.77 -9.80 4.23
C ASN A 65 -20.16 -9.36 5.63
N VAL A 66 -19.78 -8.13 6.00
CA VAL A 66 -20.07 -7.53 7.29
C VAL A 66 -20.81 -6.24 6.97
N GLY A 67 -22.12 -6.34 7.11
CA GLY A 67 -23.06 -5.29 6.70
C GLY A 67 -22.76 -4.82 5.29
N ALA A 68 -22.47 -3.54 5.17
CA ALA A 68 -22.16 -2.88 3.91
C ALA A 68 -20.79 -3.24 3.37
N VAL A 69 -19.96 -3.85 4.20
CA VAL A 69 -18.62 -4.19 3.82
C VAL A 69 -18.67 -5.59 3.21
N LYS A 70 -18.49 -5.66 1.89
CA LYS A 70 -18.60 -6.92 1.19
C LYS A 70 -17.21 -7.41 0.88
N THR A 71 -17.03 -8.73 0.96
CA THR A 71 -15.79 -9.35 0.49
C THR A 71 -16.03 -10.10 -0.81
N ARG A 72 -15.01 -10.11 -1.65
CA ARG A 72 -15.02 -10.89 -2.86
C ARG A 72 -14.10 -12.08 -2.76
N ALA A 73 -13.68 -12.44 -1.53
CA ALA A 73 -12.96 -13.67 -1.35
C ALA A 73 -13.89 -14.89 -1.51
N LYS A 74 -13.43 -15.95 -2.23
CA LYS A 74 -14.22 -17.17 -2.27
CA LYS A 74 -14.13 -17.24 -2.28
C LYS A 74 -14.14 -17.88 -0.92
N PRO A 75 -15.24 -18.53 -0.58
CA PRO A 75 -15.25 -19.34 0.62
C PRO A 75 -14.17 -20.41 0.61
N GLU A 76 -13.78 -20.92 -0.56
CA GLU A 76 -12.76 -21.95 -0.66
C GLU A 76 -11.39 -21.43 -0.12
N LEU A 77 -11.18 -20.11 -0.14
CA LEU A 77 -9.89 -19.56 0.30
C LEU A 77 -9.66 -20.05 1.75
N PHE A 78 -10.73 -19.96 2.56
CA PHE A 78 -10.58 -20.21 3.97
C PHE A 78 -10.41 -21.70 4.28
N GLN A 79 -10.70 -22.56 3.32
CA GLN A 79 -10.51 -23.99 3.47
C GLN A 79 -9.07 -24.40 3.10
N ASN A 80 -8.27 -23.47 2.59
CA ASN A 80 -6.98 -23.77 2.03
C ASN A 80 -5.95 -22.70 2.39
N LEU A 81 -5.92 -22.28 3.66
CA LEU A 81 -5.10 -21.13 4.04
C LEU A 81 -3.62 -21.35 3.87
N GLU A 82 -3.13 -22.57 4.07
CA GLU A 82 -1.74 -22.78 3.82
C GLU A 82 -1.38 -22.54 2.35
N ASP A 83 -2.19 -23.04 1.42
CA ASP A 83 -1.97 -22.77 0.02
C ASP A 83 -2.09 -21.29 -0.33
N VAL A 84 -3.08 -20.64 0.25
CA VAL A 84 -3.19 -19.18 0.06
C VAL A 84 -1.90 -18.49 0.44
N GLY A 85 -1.34 -18.89 1.60
CA GLY A 85 -0.06 -18.33 2.00
C GLY A 85 1.06 -18.64 1.08
N LYS A 86 1.08 -19.86 0.51
CA LYS A 86 2.09 -20.20 -0.44
C LYS A 86 2.00 -19.27 -1.65
N LEU A 87 0.80 -19.08 -2.16
CA LEU A 87 0.60 -18.18 -3.32
C LEU A 87 0.96 -16.76 -2.99
N ALA A 88 0.68 -16.32 -1.74
CA ALA A 88 1.10 -14.97 -1.33
C ALA A 88 2.62 -14.88 -1.30
N ARG A 89 3.29 -15.94 -0.86
CA ARG A 89 4.72 -15.99 -0.81
CA ARG A 89 4.71 -15.85 -0.78
C ARG A 89 5.31 -15.94 -2.21
N ASP A 90 4.67 -16.61 -3.17
CA ASP A 90 5.12 -16.53 -4.55
C ASP A 90 5.05 -15.06 -5.05
N LEU A 91 3.98 -14.35 -4.70
CA LEU A 91 3.93 -12.93 -5.02
C LEU A 91 5.06 -12.17 -4.35
N GLY A 92 5.28 -12.42 -3.07
CA GLY A 92 6.30 -11.69 -2.33
C GLY A 92 7.68 -11.90 -2.90
N THR A 93 8.03 -13.13 -3.29
CA THR A 93 9.37 -13.32 -3.83
CA THR A 93 9.30 -13.47 -3.91
C THR A 93 9.46 -12.76 -5.26
N ALA A 94 8.43 -12.86 -6.09
CA ALA A 94 8.43 -12.19 -7.43
C ALA A 94 8.56 -10.66 -7.29
N ALA A 95 7.80 -10.14 -6.33
CA ALA A 95 7.80 -8.67 -6.14
C ALA A 95 9.12 -8.21 -5.59
N ASN A 96 9.73 -8.91 -4.65
N ASN A 96 9.73 -9.09 -4.79
CA ASN A 96 11.09 -8.49 -4.22
CA ASN A 96 11.11 -8.88 -4.25
C ASN A 96 12.06 -8.54 -5.41
C ASN A 96 12.11 -8.70 -5.31
N ALA A 97 11.95 -9.57 -6.28
CA ALA A 97 12.82 -9.58 -7.40
C ALA A 97 12.59 -8.34 -8.31
N LEU A 98 11.34 -8.00 -8.55
CA LEU A 98 11.01 -6.83 -9.32
C LEU A 98 11.63 -5.54 -8.72
N ALA A 99 11.45 -5.39 -7.42
CA ALA A 99 12.02 -4.16 -6.76
C ALA A 99 13.54 -4.17 -6.72
N ALA A 100 14.17 -5.36 -6.60
CA ALA A 100 15.65 -5.40 -6.56
C ALA A 100 16.17 -5.03 -7.94
N ALA A 101 15.55 -5.56 -8.99
CA ALA A 101 15.95 -5.22 -10.34
C ALA A 101 15.73 -3.75 -10.64
N ALA A 102 14.56 -3.22 -10.21
CA ALA A 102 14.30 -1.82 -10.45
C ALA A 102 15.27 -0.91 -9.67
N ALA A 103 15.62 -1.32 -8.46
CA ALA A 103 16.50 -0.48 -7.60
C ALA A 103 17.84 -0.28 -8.28
N THR A 104 18.36 -1.34 -8.89
CA THR A 104 19.66 -1.34 -9.54
C THR A 104 19.60 -1.05 -11.00
N GLY A 105 18.42 -0.66 -11.53
CA GLY A 105 18.33 -0.22 -12.86
C GLY A 105 18.42 -1.34 -13.93
N GLU A 106 18.08 -2.58 -13.55
CA GLU A 106 18.24 -3.72 -14.43
C GLU A 106 16.95 -3.89 -15.26
N ALA A 107 16.84 -3.12 -16.34
CA ALA A 107 15.53 -3.03 -17.05
C ALA A 107 15.10 -4.38 -17.62
N ASN A 108 16.01 -5.22 -18.14
CA ASN A 108 15.55 -6.52 -18.64
C ASN A 108 14.92 -7.37 -17.53
N ALA A 109 15.59 -7.39 -16.36
CA ALA A 109 15.10 -8.16 -15.26
C ALA A 109 13.80 -7.55 -14.76
N VAL A 110 13.65 -6.22 -14.78
CA VAL A 110 12.40 -5.61 -14.40
C VAL A 110 11.25 -6.14 -15.29
N LYS A 111 11.49 -6.11 -16.62
CA LYS A 111 10.44 -6.53 -17.55
C LYS A 111 9.98 -7.97 -17.26
N SER A 112 10.97 -8.86 -17.09
CA SER A 112 10.63 -10.25 -16.83
C SER A 112 9.98 -10.47 -15.45
N ALA A 113 10.49 -9.75 -14.43
CA ALA A 113 9.91 -9.88 -13.09
C ALA A 113 8.49 -9.34 -13.06
N PHE A 114 8.24 -8.28 -13.83
CA PHE A 114 6.88 -7.71 -13.88
C PHE A 114 5.87 -8.79 -14.35
N ALA A 115 6.26 -9.54 -15.38
CA ALA A 115 5.37 -10.62 -15.86
C ALA A 115 5.18 -11.72 -14.80
N ASP A 116 6.22 -12.05 -14.08
CA ASP A 116 6.07 -13.05 -12.98
C ASP A 116 5.25 -12.59 -11.85
N VAL A 117 5.38 -11.29 -11.50
CA VAL A 117 4.49 -10.75 -10.48
C VAL A 117 3.05 -10.89 -10.95
N GLY A 118 2.77 -10.42 -12.17
CA GLY A 118 1.40 -10.51 -12.64
C GLY A 118 0.84 -11.93 -12.66
N ALA A 119 1.69 -12.87 -12.99
CA ALA A 119 1.27 -14.28 -12.97
C ALA A 119 0.94 -14.70 -11.57
N ALA A 120 1.68 -14.23 -10.54
CA ALA A 120 1.38 -14.58 -9.15
C ALA A 120 0.06 -14.01 -8.72
N CYS A 121 -0.28 -12.75 -9.14
CA CYS A 121 -1.57 -12.21 -8.80
C CYS A 121 -2.68 -13.15 -9.34
N LYS A 122 -2.56 -13.47 -10.64
CA LYS A 122 -3.51 -14.29 -11.36
CA LYS A 122 -3.60 -14.25 -11.29
C LYS A 122 -3.69 -15.66 -10.73
N ALA A 123 -2.57 -16.26 -10.34
CA ALA A 123 -2.65 -17.64 -9.80
C ALA A 123 -3.53 -17.66 -8.56
N CYS A 124 -3.39 -16.69 -7.66
CA CYS A 124 -4.23 -16.66 -6.49
C CYS A 124 -5.66 -16.33 -6.82
N HIS A 125 -5.89 -15.34 -7.71
CA HIS A 125 -7.22 -15.00 -8.07
C HIS A 125 -8.00 -16.19 -8.63
N GLN A 126 -7.33 -16.95 -9.51
CA GLN A 126 -8.00 -18.08 -10.18
C GLN A 126 -8.57 -19.05 -9.19
N LYS A 127 -7.82 -19.32 -8.11
CA LYS A 127 -8.29 -20.23 -7.09
C LYS A 127 -9.24 -19.64 -6.09
N TYR A 128 -8.98 -18.38 -5.69
CA TYR A 128 -9.48 -17.92 -4.41
C TYR A 128 -10.26 -16.59 -4.49
N ARG A 129 -10.37 -15.92 -5.63
CA ARG A 129 -11.14 -14.68 -5.71
C ARG A 129 -12.47 -14.93 -6.45
N ALA A 130 -13.55 -14.40 -5.90
CA ALA A 130 -14.92 -14.55 -6.52
C ALA A 130 -14.97 -13.47 -7.64
N ASP A 131 -14.67 -13.92 -8.87
CA ASP A 131 -14.69 -13.05 -10.04
C ASP A 131 -15.17 -13.83 -11.25
N ALA B 1 -7.56 4.41 -19.99
CA ALA B 1 -6.78 3.78 -18.90
C ALA B 1 -6.41 4.82 -17.83
N ASP B 2 -6.77 6.09 -18.06
CA ASP B 2 -6.58 7.10 -16.98
C ASP B 2 -7.62 6.89 -15.92
N LEU B 3 -7.25 7.05 -14.65
CA LEU B 3 -8.21 6.87 -13.59
CA LEU B 3 -8.23 6.85 -13.59
C LEU B 3 -9.27 7.95 -13.60
N SER B 4 -10.53 7.53 -13.50
CA SER B 4 -11.65 8.43 -13.31
C SER B 4 -11.53 9.11 -11.97
N PRO B 5 -12.28 10.18 -11.76
CA PRO B 5 -12.27 10.80 -10.45
C PRO B 5 -12.66 9.82 -9.32
N GLU B 6 -13.66 8.99 -9.54
CA GLU B 6 -14.05 8.01 -8.56
C GLU B 6 -12.89 7.05 -8.23
N GLU B 7 -12.20 6.59 -9.26
CA GLU B 7 -11.08 5.69 -9.05
C GLU B 7 -9.92 6.41 -8.32
N GLN B 8 -9.68 7.68 -8.62
CA GLN B 8 -8.60 8.40 -7.94
C GLN B 8 -8.92 8.50 -6.45
N ILE B 9 -10.18 8.81 -6.10
CA ILE B 9 -10.57 8.89 -4.69
C ILE B 9 -10.38 7.54 -4.03
N GLU B 10 -10.88 6.47 -4.67
CA GLU B 10 -10.75 5.17 -4.04
CA GLU B 10 -10.76 5.15 -4.08
C GLU B 10 -9.29 4.76 -3.89
N THR B 11 -8.48 5.09 -4.87
CA THR B 11 -7.08 4.66 -4.84
C THR B 11 -6.31 5.42 -3.75
N ARG B 12 -6.54 6.74 -3.64
CA ARG B 12 -5.82 7.45 -2.59
C ARG B 12 -6.28 6.97 -1.23
N GLN B 13 -7.58 6.74 -1.04
CA GLN B 13 -8.08 6.21 0.20
C GLN B 13 -7.42 4.86 0.53
N ALA B 14 -7.23 4.00 -0.48
CA ALA B 14 -6.57 2.72 -0.26
C ALA B 14 -5.15 2.93 0.23
N GLY B 15 -4.39 3.84 -0.39
CA GLY B 15 -3.04 4.07 0.08
C GLY B 15 -2.97 4.55 1.51
N TYR B 16 -3.85 5.49 1.87
CA TYR B 16 -3.84 5.95 3.26
C TYR B 16 -4.23 4.86 4.22
N ALA B 17 -5.26 4.06 3.91
CA ALA B 17 -5.70 3.01 4.80
C ALA B 17 -4.57 1.99 5.01
N PHE B 18 -3.84 1.67 3.92
CA PHE B 18 -2.83 0.66 4.07
C PHE B 18 -1.63 1.20 4.84
N MET B 19 -1.30 2.48 4.65
CA MET B 19 -0.26 3.11 5.52
C MET B 19 -0.70 3.04 6.95
N ALA B 20 -1.93 3.40 7.24
CA ALA B 20 -2.38 3.43 8.61
C ALA B 20 -2.27 2.07 9.30
N TRP B 21 -2.60 1.01 8.56
CA TRP B 21 -2.49 -0.33 9.16
C TRP B 21 -1.03 -0.61 9.55
N ASN B 22 -0.12 -0.27 8.67
CA ASN B 22 1.31 -0.51 8.95
C ASN B 22 1.86 0.41 10.04
N MET B 23 1.41 1.67 10.10
CA MET B 23 1.75 2.53 11.23
C MET B 23 1.32 1.90 12.52
N GLY B 24 0.11 1.32 12.58
CA GLY B 24 -0.36 0.72 13.79
C GLY B 24 0.50 -0.42 14.23
N LYS B 25 1.05 -1.21 13.30
CA LYS B 25 1.96 -2.29 13.71
C LYS B 25 3.22 -1.71 14.31
N ILE B 26 3.76 -0.64 13.74
CA ILE B 26 4.97 -0.05 14.33
C ILE B 26 4.69 0.43 15.75
N LYS B 27 3.56 1.12 15.96
CA LYS B 27 3.22 1.59 17.30
C LYS B 27 3.15 0.42 18.26
N ALA B 28 2.54 -0.68 17.82
CA ALA B 28 2.39 -1.84 18.70
C ALA B 28 3.71 -2.45 19.10
N ASN B 29 4.64 -2.51 18.16
CA ASN B 29 5.99 -3.04 18.44
C ASN B 29 6.76 -2.14 19.37
N LEU B 30 6.63 -0.82 19.23
CA LEU B 30 7.28 0.09 20.16
C LEU B 30 6.71 -0.01 21.55
N GLU B 31 5.42 -0.19 21.71
CA GLU B 31 4.76 -0.18 23.01
C GLU B 31 4.91 -1.49 23.72
N GLY B 32 5.16 -2.57 23.04
CA GLY B 32 5.28 -3.90 23.61
C GLY B 32 6.60 -4.52 23.25
N GLU B 33 6.56 -5.81 22.92
CA GLU B 33 7.73 -6.54 22.47
CA GLU B 33 7.78 -6.47 22.50
C GLU B 33 8.05 -6.08 21.05
N TYR B 34 9.32 -5.79 20.75
CA TYR B 34 9.75 -5.27 19.49
C TYR B 34 10.22 -6.35 18.55
N ASN B 35 9.54 -6.49 17.42
CA ASN B 35 9.87 -7.44 16.37
C ASN B 35 10.45 -6.68 15.24
N ALA B 36 11.78 -6.57 15.19
CA ALA B 36 12.45 -5.74 14.24
C ALA B 36 12.08 -6.04 12.81
N ASP B 37 11.93 -7.33 12.47
CA ASP B 37 11.62 -7.69 11.08
C ASP B 37 10.19 -7.25 10.73
N GLN B 38 9.23 -7.36 11.64
CA GLN B 38 7.91 -6.87 11.36
C GLN B 38 7.94 -5.34 11.15
N VAL B 39 8.70 -4.64 11.99
CA VAL B 39 8.81 -3.20 11.85
C VAL B 39 9.44 -2.79 10.55
N ARG B 40 10.48 -3.49 10.11
CA ARG B 40 11.07 -3.27 8.78
CA ARG B 40 11.07 -3.16 8.82
C ARG B 40 10.01 -3.35 7.70
N ALA B 41 9.23 -4.43 7.71
CA ALA B 41 8.24 -4.64 6.64
C ALA B 41 7.20 -3.50 6.67
N ALA B 42 6.73 -3.15 7.86
CA ALA B 42 5.72 -2.09 8.01
C ALA B 42 6.27 -0.75 7.58
N ALA B 43 7.49 -0.41 8.03
CA ALA B 43 8.11 0.85 7.66
C ALA B 43 8.33 0.93 6.16
N ASN B 44 8.68 -0.22 5.53
CA ASN B 44 8.89 -0.20 4.07
C ASN B 44 7.57 0.14 3.36
N VAL B 45 6.46 -0.33 3.87
CA VAL B 45 5.17 0.03 3.27
C VAL B 45 4.97 1.54 3.36
N VAL B 46 5.18 2.12 4.54
CA VAL B 46 4.93 3.54 4.71
C VAL B 46 5.81 4.34 3.82
N ALA B 47 7.11 4.00 3.76
CA ALA B 47 8.02 4.67 2.87
C ALA B 47 7.60 4.57 1.43
N ALA B 48 7.24 3.37 0.99
CA ALA B 48 6.91 3.17 -0.42
C ALA B 48 5.63 3.97 -0.77
N ILE B 49 4.60 3.83 0.02
CA ILE B 49 3.35 4.53 -0.31
C ILE B 49 3.52 6.04 -0.24
N ALA B 50 4.28 6.54 0.74
CA ALA B 50 4.48 7.98 0.85
C ALA B 50 5.26 8.53 -0.29
N ASN B 51 6.04 7.72 -1.03
CA ASN B 51 6.82 8.13 -2.10
C ASN B 51 6.33 7.63 -3.46
N SER B 52 5.03 7.31 -3.55
CA SER B 52 4.45 6.68 -4.72
C SER B 52 3.81 7.64 -5.66
N GLY B 53 3.81 8.94 -5.37
CA GLY B 53 3.26 9.90 -6.32
C GLY B 53 1.75 10.03 -6.17
N MET B 54 1.22 10.01 -4.95
CA MET B 54 -0.22 10.13 -4.70
CA MET B 54 -0.25 10.09 -4.76
C MET B 54 -0.82 11.46 -5.13
N GLY B 55 0.02 12.47 -5.33
CA GLY B 55 -0.53 13.76 -5.86
C GLY B 55 -1.26 13.59 -7.21
N ALA B 56 -0.92 12.56 -7.96
CA ALA B 56 -1.58 12.23 -9.22
C ALA B 56 -3.04 11.80 -9.01
N LEU B 57 -3.44 11.53 -7.79
CA LEU B 57 -4.78 11.08 -7.45
C LEU B 57 -5.71 12.21 -6.97
N TYR B 58 -5.24 13.47 -7.16
CA TYR B 58 -5.99 14.65 -6.75
C TYR B 58 -6.40 15.51 -7.95
N GLY B 59 -6.85 14.84 -9.03
CA GLY B 59 -7.18 15.53 -10.27
C GLY B 59 -8.49 16.24 -10.17
N PRO B 60 -8.85 16.94 -11.25
CA PRO B 60 -10.17 17.58 -11.36
C PRO B 60 -11.29 16.59 -11.16
N GLY B 61 -12.31 17.03 -10.44
CA GLY B 61 -13.51 16.26 -10.18
C GLY B 61 -13.40 15.42 -8.94
N THR B 62 -12.22 15.43 -8.30
CA THR B 62 -12.04 14.60 -7.12
C THR B 62 -12.28 15.32 -5.79
N ASP B 63 -12.80 16.54 -5.89
CA ASP B 63 -13.23 17.33 -4.71
C ASP B 63 -14.64 17.04 -4.12
N LYS B 64 -15.40 16.24 -4.86
CA LYS B 64 -16.80 16.04 -4.57
C LYS B 64 -16.94 14.58 -4.32
N ASN B 65 -17.96 14.22 -3.58
CA ASN B 65 -18.34 12.82 -3.52
C ASN B 65 -18.78 12.39 -4.91
N VAL B 66 -18.58 11.12 -5.23
CA VAL B 66 -19.02 10.56 -6.53
C VAL B 66 -20.00 9.41 -6.22
N GLY B 67 -21.31 9.70 -6.25
CA GLY B 67 -22.31 8.74 -5.77
C GLY B 67 -22.05 8.23 -4.35
N ALA B 68 -21.97 6.90 -4.21
CA ALA B 68 -21.69 6.25 -2.92
C ALA B 68 -20.22 6.40 -2.46
N VAL B 69 -19.35 6.85 -3.38
CA VAL B 69 -17.94 7.15 -3.06
C VAL B 69 -17.75 8.56 -2.50
N LYS B 70 -17.57 8.61 -1.20
CA LYS B 70 -17.46 9.87 -0.46
C LYS B 70 -16.01 10.17 -0.17
N THR B 71 -15.60 11.42 -0.30
CA THR B 71 -14.28 11.87 0.03
C THR B 71 -14.25 12.66 1.32
N ARG B 72 -13.16 12.53 2.08
CA ARG B 72 -12.90 13.38 3.20
C ARG B 72 -11.92 14.50 2.89
N ALA B 73 -11.53 14.68 1.63
CA ALA B 73 -10.70 15.80 1.28
C ALA B 73 -11.49 17.11 1.40
N LYS B 74 -10.98 18.09 2.13
CA LYS B 74 -11.71 19.35 2.32
C LYS B 74 -11.49 20.22 1.09
N PRO B 75 -12.45 21.17 0.87
CA PRO B 75 -12.21 22.18 -0.18
C PRO B 75 -10.86 22.92 -0.03
N GLU B 76 -10.46 23.13 1.23
CA GLU B 76 -9.19 23.82 1.46
C GLU B 76 -8.04 23.10 0.74
N LEU B 77 -8.09 21.78 0.62
CA LEU B 77 -6.97 21.05 0.02
C LEU B 77 -6.78 21.55 -1.46
N PHE B 78 -7.90 21.63 -2.21
CA PHE B 78 -7.85 21.97 -3.61
C PHE B 78 -7.53 23.45 -3.83
N GLN B 79 -7.69 24.26 -2.78
CA GLN B 79 -7.34 25.68 -2.81
C GLN B 79 -5.87 25.92 -2.49
N ASN B 80 -5.17 24.89 -2.06
CA ASN B 80 -3.81 25.05 -1.57
C ASN B 80 -2.94 23.88 -2.03
N LEU B 81 -3.00 23.57 -3.33
CA LEU B 81 -2.38 22.33 -3.80
C LEU B 81 -0.87 22.36 -3.59
N GLU B 82 -0.25 23.53 -3.70
CA GLU B 82 1.18 23.63 -3.46
C GLU B 82 1.58 23.31 -2.00
N ASP B 83 0.82 23.81 -1.04
CA ASP B 83 1.09 23.50 0.38
C ASP B 83 0.81 22.01 0.66
N VAL B 84 -0.27 21.47 0.10
CA VAL B 84 -0.51 20.04 0.23
CA VAL B 84 -0.47 20.07 0.32
C VAL B 84 0.68 19.23 -0.28
N GLY B 85 1.21 19.64 -1.43
CA GLY B 85 2.35 19.00 -2.03
C GLY B 85 3.57 19.03 -1.09
N LYS B 86 3.78 20.18 -0.46
CA LYS B 86 4.89 20.32 0.47
C LYS B 86 4.69 19.38 1.67
N LEU B 87 3.47 19.31 2.20
CA LEU B 87 3.19 18.41 3.32
C LEU B 87 3.37 16.94 2.91
N ALA B 88 3.04 16.62 1.65
CA ALA B 88 3.28 15.27 1.15
C ALA B 88 4.76 14.99 1.07
N ARG B 89 5.54 15.98 0.62
CA ARG B 89 6.99 15.77 0.58
C ARG B 89 7.59 15.61 1.96
N ASP B 90 7.07 16.34 2.96
CA ASP B 90 7.54 16.12 4.29
C ASP B 90 7.26 14.70 4.74
N LEU B 91 6.10 14.15 4.41
CA LEU B 91 5.84 12.75 4.72
C LEU B 91 6.80 11.84 3.97
N GLY B 92 7.05 12.07 2.68
CA GLY B 92 7.93 11.18 1.96
C GLY B 92 9.30 11.07 2.60
N THR B 93 9.84 12.24 2.98
CA THR B 93 11.18 12.30 3.58
C THR B 93 11.15 11.62 4.93
N ALA B 94 10.18 11.91 5.78
CA ALA B 94 10.10 11.31 7.12
C ALA B 94 9.92 9.81 6.98
N ALA B 95 9.10 9.38 6.02
CA ALA B 95 8.82 7.92 5.88
C ALA B 95 10.08 7.22 5.41
N ASN B 96 10.84 7.77 4.51
CA ASN B 96 12.12 7.18 4.14
C ASN B 96 13.06 7.06 5.35
N ALA B 97 13.06 8.10 6.20
CA ALA B 97 13.88 8.00 7.42
C ALA B 97 13.40 6.94 8.39
N LEU B 98 12.10 6.70 8.44
CA LEU B 98 11.58 5.61 9.24
C LEU B 98 12.00 4.25 8.71
N ALA B 99 11.94 4.04 7.39
CA ALA B 99 12.41 2.78 6.83
C ALA B 99 13.93 2.60 7.09
N ALA B 100 14.70 3.67 6.97
CA ALA B 100 16.13 3.55 7.27
C ALA B 100 16.36 3.23 8.76
N ALA B 101 15.62 3.84 9.69
CA ALA B 101 15.73 3.54 11.10
C ALA B 101 15.34 2.09 11.34
N ALA B 102 14.27 1.62 10.71
CA ALA B 102 13.82 0.26 10.94
C ALA B 102 14.85 -0.74 10.42
N ALA B 103 15.56 -0.43 9.34
CA ALA B 103 16.59 -1.30 8.80
C ALA B 103 17.68 -1.56 9.84
N THR B 104 17.93 -0.61 10.76
CA THR B 104 19.00 -0.78 11.75
C THR B 104 18.58 -1.77 12.83
N GLY B 105 17.28 -2.03 12.95
CA GLY B 105 16.79 -2.95 13.94
C GLY B 105 16.73 -2.42 15.38
N GLU B 106 16.92 -1.11 15.55
CA GLU B 106 17.01 -0.51 16.88
C GLU B 106 15.74 0.28 17.21
N ALA B 107 14.98 -0.21 18.19
CA ALA B 107 13.73 0.38 18.57
C ALA B 107 13.79 1.89 18.84
N ASN B 108 14.82 2.37 19.52
CA ASN B 108 14.97 3.78 19.83
CA ASN B 108 14.74 3.80 19.85
C ASN B 108 15.01 4.66 18.60
N ALA B 109 15.71 4.23 17.56
CA ALA B 109 15.81 5.00 16.34
C ALA B 109 14.46 5.05 15.65
N VAL B 110 13.78 3.90 15.64
CA VAL B 110 12.46 3.84 15.09
C VAL B 110 11.49 4.71 15.86
N LYS B 111 11.58 4.74 17.18
CA LYS B 111 10.67 5.55 17.96
C LYS B 111 10.73 7.00 17.50
N SER B 112 11.94 7.54 17.33
CA SER B 112 12.08 8.93 16.89
C SER B 112 11.54 9.12 15.48
N ALA B 113 11.92 8.23 14.59
CA ALA B 113 11.51 8.42 13.19
C ALA B 113 9.98 8.22 13.07
N PHE B 114 9.40 7.37 13.88
CA PHE B 114 7.97 7.12 13.84
C PHE B 114 7.22 8.36 14.31
N ALA B 115 7.72 9.04 15.33
CA ALA B 115 7.12 10.31 15.77
C ALA B 115 7.13 11.32 14.66
N ASP B 116 8.21 11.42 13.92
CA ASP B 116 8.30 12.42 12.87
C ASP B 116 7.28 12.09 11.73
N VAL B 117 7.15 10.81 11.39
CA VAL B 117 6.13 10.42 10.40
C VAL B 117 4.76 10.76 10.91
N GLY B 118 4.39 10.35 12.13
CA GLY B 118 3.06 10.61 12.62
C GLY B 118 2.76 12.11 12.60
N ALA B 119 3.76 12.93 12.94
CA ALA B 119 3.54 14.39 12.90
C ALA B 119 3.23 14.85 11.49
N ALA B 120 3.88 14.25 10.49
CA ALA B 120 3.63 14.63 9.10
C ALA B 120 2.21 14.20 8.66
N CYS B 121 1.75 13.03 9.06
CA CYS B 121 0.37 12.64 8.75
C CYS B 121 -0.59 13.67 9.38
N LYS B 122 -0.36 13.95 10.65
CA LYS B 122 -1.28 14.84 11.37
C LYS B 122 -1.28 16.24 10.83
N ALA B 123 -0.14 16.76 10.39
CA ALA B 123 -0.04 18.14 9.90
C ALA B 123 -0.97 18.30 8.70
N CYS B 124 -0.96 17.31 7.81
CA CYS B 124 -1.83 17.38 6.65
C CYS B 124 -3.30 17.20 7.02
N HIS B 125 -3.60 16.22 7.87
CA HIS B 125 -4.94 15.99 8.25
C HIS B 125 -5.57 17.23 8.89
N GLN B 126 -4.82 17.89 9.77
CA GLN B 126 -5.39 19.03 10.51
C GLN B 126 -5.88 20.08 9.53
N LYS B 127 -5.15 20.31 8.46
CA LYS B 127 -5.54 21.31 7.52
C LYS B 127 -6.58 20.83 6.51
N TYR B 128 -6.42 19.58 6.02
CA TYR B 128 -7.00 19.23 4.75
C TYR B 128 -7.93 18.00 4.73
N ARG B 129 -8.09 17.31 5.86
CA ARG B 129 -8.95 16.13 5.92
C ARG B 129 -10.07 16.35 6.88
N ALA B 130 -11.31 16.06 6.46
CA ALA B 130 -12.47 16.15 7.36
C ALA B 130 -12.42 15.04 8.40
N ASP B 131 -12.86 15.40 9.61
CA ASP B 131 -12.98 14.46 10.72
C ASP B 131 -14.21 13.58 10.50
FE HEC C . -5.72 -9.75 -5.48
CHA HEC C . -8.82 -8.59 -4.57
CHB HEC C . -5.28 -6.99 -7.45
CHC HEC C . -2.38 -10.49 -5.71
CHD HEC C . -6.16 -12.51 -3.46
NA HEC C . -6.89 -8.11 -5.98
C1A HEC C . -8.09 -7.79 -5.47
C2A HEC C . -8.54 -6.53 -5.99
C3A HEC C . -7.56 -6.12 -6.87
C4A HEC C . -6.51 -7.10 -6.77
CMA HEC C . -7.48 -4.85 -7.71
CAA HEC C . -9.84 -5.84 -5.61
CAA HEC C . -9.80 -5.70 -5.73
CBA HEC C . -9.60 -5.10 -4.24
CBA HEC C . -9.49 -4.60 -4.67
CGA HEC C . -10.78 -4.23 -3.94
CGA HEC C . -10.68 -3.64 -4.51
O1A HEC C . -11.74 -4.76 -3.39
O1A HEC C . -11.65 -3.58 -5.32
O2A HEC C . -10.71 -3.03 -4.24
O2A HEC C . -10.63 -2.85 -3.54
NB HEC C . -4.09 -8.86 -6.41
C1B HEC C . -4.10 -7.74 -7.19
C2B HEC C . -2.85 -7.54 -7.78
C3B HEC C . -2.00 -8.55 -7.24
C4B HEC C . -2.82 -9.32 -6.38
CMB HEC C . -2.50 -6.45 -8.77
CAB HEC C . -0.62 -8.83 -7.54
CBB HEC C . 0.34 -7.73 -7.67
NC HEC C . -4.51 -11.26 -4.77
C1C HEC C . -3.19 -11.36 -4.94
C2C HEC C . -2.66 -12.59 -4.34
C3C HEC C . -3.74 -13.13 -3.69
C4C HEC C . -4.87 -12.27 -3.95
CMC HEC C . -1.22 -13.03 -4.51
CAC HEC C . -3.82 -14.41 -2.90
CBC HEC C . -2.54 -14.98 -2.32
ND HEC C . -7.26 -10.48 -4.33
C1D HEC C . -7.28 -11.62 -3.59
C2D HEC C . -8.51 -11.81 -2.89
C3D HEC C . -9.28 -10.64 -3.15
C4D HEC C . -8.45 -9.85 -4.02
CMD HEC C . -8.87 -12.95 -2.07
CAD HEC C . -10.58 -10.28 -2.61
CBD HEC C . -10.39 -9.48 -1.28
CGD HEC C . -11.66 -9.25 -0.63
O1D HEC C . -12.61 -8.74 -1.27
O2D HEC C . -11.78 -9.49 0.61
CD CD D . 2.53 -27.80 5.44
CD CD E . -11.53 -16.42 -11.77
CD CD F . 7.97 -15.46 -16.64
CD CD G . -16.90 -21.37 -4.19
CD CD H . -10.30 -1.09 14.88
CL CL I . 1.37 -29.93 4.96
C1 PEG J . -0.07 -25.52 -0.64
O1 PEG J . 0.55 -25.58 -1.93
C2 PEG J . 0.75 -25.35 0.66
O2 PEG J . 2.18 -25.11 0.79
C3 PEG J . 2.91 -25.20 1.99
C4 PEG J . 3.13 -24.03 2.91
O4 PEG J . 3.93 -22.98 2.44
O1 PG4 K . -8.48 -21.35 11.86
C1 PG4 K . -7.36 -20.80 11.18
C2 PG4 K . -7.52 -19.30 10.92
O2 PG4 K . -8.69 -19.25 10.03
C3 PG4 K . -8.95 -17.82 9.72
C4 PG4 K . -10.20 -17.71 8.91
O3 PG4 K . -11.38 -18.29 9.48
C5 PG4 K . -12.45 -18.21 8.55
C6 PG4 K . -13.75 -18.63 9.21
O4 PG4 K . -14.14 -17.73 10.29
C7 PG4 K . -15.29 -17.99 11.02
C8 PG4 K . -16.61 -18.13 10.24
O5 PG4 K . -17.12 -16.85 9.77
FE HEC L . -4.05 10.78 5.34
CHA HEC L . -7.37 10.17 4.56
CHB HEC L . -3.96 7.93 7.25
CHC HEC L . -0.67 11.07 5.63
CHD HEC L . -4.17 13.59 3.43
NA HEC L . -5.44 9.34 5.88
C1A HEC L . -6.74 9.25 5.47
C2A HEC L . -7.40 8.20 6.14
C3A HEC L . -6.44 7.54 6.95
C4A HEC L . -5.23 8.28 6.69
CMA HEC L . -6.58 6.33 7.78
CAA HEC L . -8.87 7.91 6.06
CBA HEC L . -9.22 6.58 5.62
CGA HEC L . -8.70 6.43 4.24
O1A HEC L . -8.18 5.29 3.97
O2A HEC L . -8.79 7.29 3.35
NB HEC L . -2.58 9.66 6.23
C1B HEC L . -2.73 8.57 6.97
C2B HEC L . -1.50 8.16 7.60
C3B HEC L . -0.56 9.05 7.10
C4B HEC L . -1.27 9.98 6.24
CMB HEC L . -1.28 7.03 8.52
CAB HEC L . 0.93 9.18 7.37
CBB HEC L . 1.72 7.93 7.47
NC HEC L . -2.66 12.10 4.65
C1C HEC L . -1.31 12.09 4.89
C2C HEC L . -0.64 13.26 4.34
C3C HEC L . -1.68 13.96 3.68
C4C HEC L . -2.91 13.22 3.92
CMC HEC L . 0.80 13.55 4.53
CAC HEC L . -1.62 15.28 2.96
CBC HEC L . -0.27 15.70 2.46
ND HEC L . -5.47 11.73 4.28
C1D HEC L . -5.35 12.85 3.53
C2D HEC L . -6.56 13.22 2.85
C3D HEC L . -7.46 12.21 3.11
C4D HEC L . -6.73 11.28 3.97
CMD HEC L . -6.77 14.46 2.02
CAD HEC L . -8.85 12.01 2.58
CBD HEC L . -8.80 11.19 1.27
CGD HEC L . -10.16 11.07 0.61
O1D HEC L . -11.13 10.72 1.35
O2D HEC L . -10.25 11.35 -0.60
CD CD M . 16.21 3.55 24.89
CD CD N . 15.78 -10.62 11.05
CD CD O . -8.70 17.67 12.72
CD CD P . -14.50 20.39 -8.93
#